data_9HMD
#
_entry.id   9HMD
#
_cell.length_a   56.470
_cell.length_b   75.220
_cell.length_c   81.600
_cell.angle_alpha   90.00
_cell.angle_beta   90.00
_cell.angle_gamma   90.00
#
_symmetry.space_group_name_H-M   'P 21 21 21'
#
loop_
_entity.id
_entity.type
_entity.pdbx_description
1 polymer "Retinal rod rhodopsin-sensitive cGMP 3',5'-cyclic phosphodiesterase subunit delta"
2 non-polymer 4-[3,4-dimethyl-2-(4-methylphenyl)-7-oxidanylidene-pyrazolo[3,4-d]pyridazin-6-yl]-~{N}-[2-(3-ethylphenyl)ethyl]-~{N}-(piperidin-4-ylmethyl)butane-1-sulfonamide
3 water water
#
_entity_poly.entity_id   1
_entity_poly.type   'polypeptide(L)'
_entity_poly.pdbx_seq_one_letter_code
;HHHHHHMSAKDERAREILRGFKLNWMNLRDAETGKILWQGTEDLSVPGVEHEARVPKKILKCKAVSRELNFSSTEQMEKF
RLEQKVYFKGQCLEEWFFEFGFVIPNSTNTWQSLIEAAPESQMMPASVLTGNVIIETKFFDDDLLVSTSRVRLFYV
;
_entity_poly.pdbx_strand_id   A,B
#
# COMPACT_ATOMS: atom_id res chain seq x y z
N SER A 8 -1.72 7.46 -26.67
CA SER A 8 -1.15 8.76 -26.99
C SER A 8 0.05 9.03 -26.07
N ALA A 9 0.84 10.05 -26.42
CA ALA A 9 1.99 10.40 -25.59
C ALA A 9 1.55 10.95 -24.25
N LYS A 10 0.54 11.82 -24.24
CA LYS A 10 0.06 12.37 -22.98
C LYS A 10 -0.65 11.30 -22.16
N ASP A 11 -1.37 10.38 -22.82
CA ASP A 11 -2.07 9.33 -22.09
C ASP A 11 -1.12 8.29 -21.52
N GLU A 12 0.02 8.06 -22.19
CA GLU A 12 1.01 7.13 -21.66
C GLU A 12 1.84 7.75 -20.56
N ARG A 13 2.09 9.06 -20.62
CA ARG A 13 2.78 9.75 -19.54
C ARG A 13 1.92 9.77 -18.29
N ALA A 14 0.61 10.06 -18.43
CA ALA A 14 -0.27 10.11 -17.28
C ALA A 14 -0.32 8.76 -16.57
N ARG A 15 -0.26 7.66 -17.32
CA ARG A 15 -0.18 6.35 -16.70
C ARG A 15 1.20 6.11 -16.08
N GLU A 16 2.24 6.68 -16.69
CA GLU A 16 3.58 6.59 -16.11
C GLU A 16 3.60 7.15 -14.70
N ILE A 17 3.09 8.37 -14.52
CA ILE A 17 3.10 9.01 -13.22
C ILE A 17 2.22 8.26 -12.24
N LEU A 18 1.08 7.75 -12.71
CA LEU A 18 0.13 7.10 -11.81
C LEU A 18 0.69 5.81 -11.24
N ARG A 19 1.38 5.02 -12.06
CA ARG A 19 1.89 3.74 -11.60
C ARG A 19 2.90 3.93 -10.46
N GLY A 20 3.69 5.00 -10.51
CA GLY A 20 4.71 5.22 -9.51
C GLY A 20 4.34 6.24 -8.45
N PHE A 21 3.04 6.45 -8.24
CA PHE A 21 2.56 7.41 -7.27
C PHE A 21 1.96 6.70 -6.07
N LYS A 22 2.04 7.35 -4.91
CA LYS A 22 1.53 6.79 -3.67
C LYS A 22 1.15 7.93 -2.72
N LEU A 23 -0.06 7.86 -2.16
CA LEU A 23 -0.42 8.67 -1.00
C LEU A 23 -0.14 7.83 0.24
N ASN A 24 0.86 8.24 1.02
CA ASN A 24 1.32 7.41 2.12
C ASN A 24 0.47 7.59 3.37
N TRP A 25 0.15 8.84 3.71
CA TRP A 25 -0.70 9.11 4.86
C TRP A 25 -1.25 10.52 4.76
N MET A 26 -2.28 10.78 5.55
CA MET A 26 -2.96 12.07 5.54
C MET A 26 -3.48 12.38 6.93
N ASN A 27 -3.29 13.62 7.36
CA ASN A 27 -3.75 14.10 8.65
C ASN A 27 -4.73 15.24 8.47
N LEU A 28 -5.78 15.25 9.28
CA LEU A 28 -6.73 16.36 9.36
C LEU A 28 -6.70 16.89 10.78
N ARG A 29 -6.15 18.09 10.95
CA ARG A 29 -5.96 18.69 12.25
C ARG A 29 -6.88 19.88 12.43
N ASP A 30 -7.19 20.17 13.69
CA ASP A 30 -7.80 21.44 14.05
C ASP A 30 -6.73 22.53 13.97
N ALA A 31 -7.01 23.60 13.23
CA ALA A 31 -5.99 24.57 12.88
C ALA A 31 -5.67 25.56 13.98
N GLU A 32 -6.47 25.61 15.05
CA GLU A 32 -6.16 26.45 16.20
C GLU A 32 -5.38 25.69 17.28
N THR A 33 -5.55 24.37 17.35
CA THR A 33 -4.90 23.56 18.36
C THR A 33 -3.89 22.56 17.80
N GLY A 34 -3.84 22.39 16.47
CA GLY A 34 -3.01 21.35 15.89
C GLY A 34 -3.49 19.98 16.24
N LYS A 35 -4.59 19.88 16.98
CA LYS A 35 -5.10 18.61 17.43
C LYS A 35 -5.53 17.76 16.24
N ILE A 36 -5.02 16.53 16.19
CA ILE A 36 -5.36 15.63 15.11
C ILE A 36 -6.80 15.15 15.27
N LEU A 37 -7.61 15.36 14.23
CA LEU A 37 -8.99 14.91 14.24
C LEU A 37 -9.22 13.62 13.48
N TRP A 38 -8.36 13.31 12.52
CA TRP A 38 -8.52 12.12 11.70
C TRP A 38 -7.21 11.81 11.00
N GLN A 39 -6.79 10.55 11.03
CA GLN A 39 -5.60 10.09 10.35
C GLN A 39 -5.94 8.89 9.49
N GLY A 40 -5.46 8.91 8.25
CA GLY A 40 -5.59 7.76 7.37
C GLY A 40 -4.24 7.34 6.80
N THR A 41 -4.10 6.04 6.61
CA THR A 41 -2.91 5.47 5.99
C THR A 41 -3.20 4.77 4.69
N GLU A 42 -4.46 4.54 4.35
CA GLU A 42 -4.81 4.00 3.04
C GLU A 42 -4.35 4.95 1.94
N ASP A 43 -4.14 4.39 0.75
CA ASP A 43 -3.88 5.19 -0.44
C ASP A 43 -5.24 5.56 -1.02
N LEU A 44 -5.67 6.80 -0.80
CA LEU A 44 -6.95 7.28 -1.25
C LEU A 44 -6.87 7.98 -2.61
N SER A 45 -5.68 8.07 -3.19
CA SER A 45 -5.55 8.49 -4.58
C SER A 45 -5.93 7.38 -5.55
N VAL A 46 -6.12 6.16 -5.07
CA VAL A 46 -6.37 4.99 -5.92
C VAL A 46 -7.70 5.18 -6.64
N PRO A 47 -7.68 5.35 -7.96
CA PRO A 47 -8.93 5.57 -8.70
C PRO A 47 -9.73 4.28 -8.84
N GLY A 48 -10.90 4.41 -9.49
CA GLY A 48 -11.75 3.26 -9.72
C GLY A 48 -12.33 2.65 -8.46
N VAL A 49 -12.39 3.41 -7.38
CA VAL A 49 -12.89 2.93 -6.11
C VAL A 49 -13.47 4.10 -5.34
N GLU A 50 -14.58 3.86 -4.64
CA GLU A 50 -15.22 4.85 -3.78
C GLU A 50 -14.70 4.63 -2.36
N HIS A 51 -13.74 5.45 -1.94
CA HIS A 51 -13.16 5.31 -0.62
C HIS A 51 -14.11 5.88 0.43
N GLU A 52 -13.91 5.47 1.68
CA GLU A 52 -14.70 5.92 2.80
C GLU A 52 -13.81 6.64 3.80
N ALA A 53 -14.35 7.66 4.45
CA ALA A 53 -13.62 8.43 5.45
C ALA A 53 -14.60 8.85 6.52
N ARG A 54 -14.47 8.24 7.71
CA ARG A 54 -15.37 8.52 8.83
C ARG A 54 -14.64 9.49 9.76
N VAL A 55 -14.83 10.78 9.51
CA VAL A 55 -14.17 11.82 10.29
C VAL A 55 -15.07 12.21 11.45
N PRO A 56 -14.51 12.65 12.58
CA PRO A 56 -15.37 13.11 13.69
C PRO A 56 -16.10 14.39 13.32
N LYS A 57 -17.39 14.42 13.66
CA LYS A 57 -18.25 15.53 13.27
C LYS A 57 -17.77 16.87 13.83
N LYS A 58 -17.02 16.86 14.92
CA LYS A 58 -16.48 18.11 15.46
C LYS A 58 -15.66 18.87 14.42
N ILE A 59 -15.17 18.19 13.38
CA ILE A 59 -14.44 18.86 12.32
C ILE A 59 -15.28 19.99 11.71
N LEU A 60 -16.60 19.88 11.80
CA LEU A 60 -17.48 20.86 11.17
C LEU A 60 -17.50 22.18 11.93
N LYS A 61 -17.28 22.14 13.25
CA LYS A 61 -17.26 23.36 14.06
C LYS A 61 -15.99 24.18 13.85
N CYS A 62 -14.95 23.57 13.27
CA CYS A 62 -13.65 24.23 13.17
C CYS A 62 -13.70 25.36 12.15
N LYS A 63 -13.10 26.50 12.52
CA LYS A 63 -12.99 27.61 11.59
C LYS A 63 -12.25 27.18 10.32
N ALA A 64 -11.16 26.44 10.49
CA ALA A 64 -10.35 25.95 9.38
C ALA A 64 -9.77 24.60 9.78
N VAL A 65 -9.21 23.91 8.78
CA VAL A 65 -8.68 22.56 8.98
C VAL A 65 -7.37 22.45 8.21
N SER A 66 -6.32 21.98 8.90
CA SER A 66 -5.01 21.79 8.29
C SER A 66 -4.89 20.36 7.79
N ARG A 67 -4.69 20.21 6.48
CA ARG A 67 -4.61 18.89 5.84
C ARG A 67 -3.17 18.66 5.42
N GLU A 68 -2.49 17.78 6.13
CA GLU A 68 -1.09 17.42 5.84
C GLU A 68 -1.05 16.01 5.30
N LEU A 69 -0.46 15.83 4.12
CA LEU A 69 -0.33 14.53 3.49
C LEU A 69 1.11 14.33 3.03
N ASN A 70 1.50 13.06 2.92
CA ASN A 70 2.81 12.67 2.42
C ASN A 70 2.61 11.73 1.24
N PHE A 71 3.31 12.01 0.14
CA PHE A 71 3.18 11.22 -1.07
C PHE A 71 4.55 10.91 -1.64
N SER A 72 4.59 9.93 -2.54
CA SER A 72 5.81 9.52 -3.22
C SER A 72 5.54 9.41 -4.71
N SER A 73 6.53 9.80 -5.51
CA SER A 73 6.40 9.80 -6.96
C SER A 73 7.72 9.33 -7.56
N THR A 74 7.67 8.27 -8.38
CA THR A 74 8.86 7.86 -9.10
C THR A 74 9.12 8.79 -10.29
N GLU A 75 8.06 9.23 -10.95
CA GLU A 75 8.19 10.12 -12.10
C GLU A 75 8.25 11.56 -11.64
N GLN A 76 9.11 12.33 -12.31
CA GLN A 76 9.15 13.77 -12.09
C GLN A 76 7.82 14.39 -12.49
N MET A 77 7.47 15.49 -11.81
CA MET A 77 6.27 16.25 -12.14
C MET A 77 6.60 17.73 -12.12
N GLU A 78 6.29 18.43 -13.21
CA GLU A 78 6.69 19.83 -13.35
C GLU A 78 5.85 20.72 -12.46
N LYS A 79 4.52 20.57 -12.50
CA LYS A 79 3.62 21.36 -11.66
C LYS A 79 2.52 20.42 -11.14
N PHE A 80 2.78 19.78 -10.00
CA PHE A 80 1.83 18.91 -9.34
C PHE A 80 0.77 19.75 -8.63
N ARG A 81 -0.49 19.58 -9.01
CA ARG A 81 -1.58 20.36 -8.46
C ARG A 81 -2.81 19.49 -8.31
N LEU A 82 -3.81 20.01 -7.60
CA LEU A 82 -5.04 19.29 -7.30
C LEU A 82 -6.25 20.16 -7.59
N GLU A 83 -7.22 19.59 -8.29
CA GLU A 83 -8.55 20.18 -8.48
C GLU A 83 -9.53 19.29 -7.73
N GLN A 84 -10.12 19.84 -6.66
CA GLN A 84 -11.02 19.08 -5.80
C GLN A 84 -12.41 19.70 -5.80
N LYS A 85 -13.42 18.86 -6.01
CA LYS A 85 -14.81 19.28 -6.03
C LYS A 85 -15.56 18.60 -4.89
N VAL A 86 -16.23 19.40 -4.06
CA VAL A 86 -17.03 18.88 -2.96
C VAL A 86 -18.46 18.72 -3.49
N TYR A 87 -18.88 17.47 -3.70
CA TYR A 87 -20.23 17.17 -4.12
C TYR A 87 -21.13 17.00 -2.90
N PHE A 88 -22.33 17.58 -2.97
CA PHE A 88 -23.37 17.38 -1.97
C PHE A 88 -24.61 16.87 -2.69
N LYS A 89 -24.97 15.61 -2.43
CA LYS A 89 -26.11 14.97 -3.08
C LYS A 89 -25.98 15.01 -4.60
N GLY A 90 -24.75 14.85 -5.08
CA GLY A 90 -24.50 14.68 -6.48
C GLY A 90 -24.23 15.94 -7.26
N GLN A 91 -24.25 17.11 -6.62
CA GLN A 91 -23.98 18.38 -7.28
C GLN A 91 -22.82 19.08 -6.58
N CYS A 92 -22.03 19.80 -7.38
CA CYS A 92 -20.83 20.45 -6.88
C CYS A 92 -21.20 21.64 -5.99
N LEU A 93 -20.86 21.55 -4.71
CA LEU A 93 -21.11 22.63 -3.74
C LEU A 93 -19.96 23.62 -3.70
N GLU A 94 -18.71 23.12 -3.70
CA GLU A 94 -17.53 23.96 -3.68
C GLU A 94 -16.47 23.35 -4.59
N GLU A 95 -15.51 24.18 -4.99
CA GLU A 95 -14.39 23.77 -5.82
C GLU A 95 -13.11 24.28 -5.18
N TRP A 96 -12.22 23.36 -4.79
CA TRP A 96 -10.95 23.69 -4.18
C TRP A 96 -9.81 23.53 -5.18
N PHE A 97 -8.74 24.31 -4.99
CA PHE A 97 -7.56 24.24 -5.84
C PHE A 97 -6.31 24.33 -4.97
N PHE A 98 -5.42 23.35 -5.11
CA PHE A 98 -4.16 23.33 -4.38
C PHE A 98 -3.02 22.94 -5.32
N GLU A 99 -1.88 23.61 -5.17
CA GLU A 99 -0.72 23.37 -6.01
C GLU A 99 0.49 23.09 -5.14
N PHE A 100 1.15 21.96 -5.38
CA PHE A 100 2.40 21.62 -4.72
C PHE A 100 3.60 22.16 -5.49
N GLY A 101 3.56 22.08 -6.81
CA GLY A 101 4.65 22.58 -7.63
C GLY A 101 5.52 21.48 -8.22
N PHE A 102 6.82 21.74 -8.35
CA PHE A 102 7.74 20.78 -8.94
C PHE A 102 7.95 19.60 -7.99
N VAL A 103 7.88 18.39 -8.54
CA VAL A 103 8.12 17.16 -7.79
C VAL A 103 9.40 16.54 -8.34
N ILE A 104 10.32 16.20 -7.44
CA ILE A 104 11.60 15.60 -7.83
C ILE A 104 11.34 14.13 -8.12
N PRO A 105 11.92 13.56 -9.19
CA PRO A 105 11.72 12.14 -9.45
C PRO A 105 12.19 11.28 -8.29
N ASN A 106 11.41 10.24 -7.99
CA ASN A 106 11.71 9.33 -6.89
C ASN A 106 11.86 10.09 -5.57
N SER A 107 10.92 11.00 -5.32
CA SER A 107 10.93 11.82 -4.13
C SER A 107 9.74 11.49 -3.23
N THR A 108 9.89 11.83 -1.95
CA THR A 108 8.88 11.61 -0.93
C THR A 108 8.64 12.95 -0.24
N ASN A 109 7.44 13.51 -0.40
CA ASN A 109 7.17 14.89 -0.04
C ASN A 109 5.95 14.99 0.85
N THR A 110 6.07 15.75 1.93
CA THR A 110 4.96 16.12 2.80
C THR A 110 4.44 17.49 2.38
N TRP A 111 3.11 17.60 2.29
CA TRP A 111 2.46 18.79 1.73
C TRP A 111 1.30 19.16 2.64
N GLN A 112 1.32 20.39 3.15
CA GLN A 112 0.28 20.89 4.02
C GLN A 112 -0.58 21.89 3.28
N SER A 113 -1.89 21.81 3.51
CA SER A 113 -2.85 22.75 2.96
C SER A 113 -3.88 23.07 4.03
N LEU A 114 -4.67 24.12 3.78
CA LEU A 114 -5.63 24.63 4.75
C LEU A 114 -6.99 24.76 4.08
N ILE A 115 -7.96 23.97 4.52
CA ILE A 115 -9.33 24.06 4.07
C ILE A 115 -10.06 25.05 4.97
N GLU A 116 -10.57 26.13 4.37
CA GLU A 116 -11.33 27.12 5.12
C GLU A 116 -12.78 27.15 4.66
N MET A 123 -22.47 25.94 9.11
CA MET A 123 -22.66 25.50 7.73
C MET A 123 -23.93 24.67 7.61
N MET A 124 -23.82 23.44 7.09
CA MET A 124 -24.93 22.49 7.13
C MET A 124 -24.72 21.49 8.27
N PRO A 125 -25.79 21.10 8.96
CA PRO A 125 -25.63 20.16 10.08
C PRO A 125 -25.05 18.82 9.65
N ALA A 126 -24.42 18.14 10.61
CA ALA A 126 -23.76 16.88 10.32
C ALA A 126 -24.75 15.84 9.82
N SER A 127 -25.89 15.70 10.51
CA SER A 127 -26.88 14.71 10.12
C SER A 127 -27.29 14.84 8.65
N VAL A 128 -27.09 16.02 8.06
CA VAL A 128 -27.42 16.22 6.65
C VAL A 128 -26.21 15.89 5.76
N LEU A 129 -25.00 16.16 6.22
CA LEU A 129 -23.83 15.96 5.38
C LEU A 129 -23.35 14.52 5.40
N THR A 130 -23.46 13.83 6.54
CA THR A 130 -22.90 12.50 6.66
C THR A 130 -23.44 11.59 5.57
N GLY A 131 -22.53 10.92 4.86
CA GLY A 131 -22.90 10.03 3.79
C GLY A 131 -23.37 10.71 2.52
N ASN A 132 -23.52 12.03 2.52
CA ASN A 132 -24.00 12.77 1.36
C ASN A 132 -22.96 13.75 0.81
N VAL A 133 -21.69 13.54 1.15
CA VAL A 133 -20.61 14.41 0.69
C VAL A 133 -19.56 13.54 0.01
N ILE A 134 -19.30 13.80 -1.26
CA ILE A 134 -18.26 13.13 -2.04
C ILE A 134 -17.20 14.17 -2.40
N ILE A 135 -15.95 13.83 -2.19
CA ILE A 135 -14.82 14.68 -2.58
C ILE A 135 -14.18 14.03 -3.80
N GLU A 136 -14.27 14.72 -4.94
CA GLU A 136 -13.60 14.29 -6.17
C GLU A 136 -12.29 15.06 -6.30
N THR A 137 -11.17 14.32 -6.28
CA THR A 137 -9.85 14.92 -6.38
C THR A 137 -9.26 14.56 -7.74
N LYS A 138 -8.96 15.59 -8.54
CA LYS A 138 -8.33 15.41 -9.84
C LYS A 138 -6.83 15.65 -9.70
N PHE A 139 -6.05 14.68 -10.16
CA PHE A 139 -4.59 14.67 -10.05
C PHE A 139 -4.04 15.18 -11.38
N PHE A 140 -3.36 16.32 -11.33
CA PHE A 140 -2.81 16.97 -12.51
C PHE A 140 -1.30 17.11 -12.40
N ASP A 141 -0.64 17.07 -13.55
CA ASP A 141 0.73 17.58 -13.71
C ASP A 141 0.61 18.70 -14.74
N ASP A 142 0.56 19.95 -14.27
CA ASP A 142 0.32 21.09 -15.14
C ASP A 142 -1.05 20.94 -15.80
N ASP A 143 -1.09 20.75 -17.12
CA ASP A 143 -2.36 20.56 -17.81
C ASP A 143 -2.71 19.09 -18.03
N LEU A 144 -1.82 18.16 -17.73
CA LEU A 144 -2.07 16.74 -17.89
C LEU A 144 -2.80 16.20 -16.66
N LEU A 145 -3.89 15.48 -16.87
CA LEU A 145 -4.61 14.82 -15.79
C LEU A 145 -4.06 13.41 -15.63
N VAL A 146 -3.59 13.10 -14.42
CA VAL A 146 -3.03 11.78 -14.14
C VAL A 146 -4.12 10.80 -13.73
N SER A 147 -4.96 11.18 -12.78
CA SER A 147 -5.97 10.28 -12.24
C SER A 147 -7.10 11.09 -11.61
N THR A 148 -8.18 10.39 -11.27
CA THR A 148 -9.30 10.97 -10.54
C THR A 148 -9.76 9.96 -9.49
N SER A 149 -9.76 10.38 -8.23
CA SER A 149 -10.20 9.56 -7.12
C SER A 149 -11.37 10.25 -6.43
N ARG A 150 -12.10 9.48 -5.61
CA ARG A 150 -13.28 9.96 -4.92
CA ARG A 150 -13.28 9.96 -4.92
C ARG A 150 -13.33 9.36 -3.52
N VAL A 151 -13.79 10.15 -2.56
CA VAL A 151 -13.90 9.72 -1.17
C VAL A 151 -15.25 10.17 -0.62
N ARG A 152 -15.96 9.23 0.01
CA ARG A 152 -17.23 9.53 0.68
C ARG A 152 -16.97 9.84 2.14
N LEU A 153 -17.62 10.89 2.64
CA LEU A 153 -17.38 11.41 3.98
C LEU A 153 -18.59 11.12 4.89
N PHE A 154 -18.33 10.43 5.99
CA PHE A 154 -19.30 10.26 7.07
C PHE A 154 -18.82 11.08 8.26
N TYR A 155 -19.70 11.88 8.84
CA TYR A 155 -19.36 12.73 9.98
C TYR A 155 -19.91 12.05 11.23
N VAL A 156 -19.13 11.13 11.77
CA VAL A 156 -19.50 10.39 12.96
C VAL A 156 -19.26 11.20 14.23
N SER B 8 28.35 -6.71 -13.10
CA SER B 8 28.06 -5.36 -13.59
C SER B 8 27.67 -4.44 -12.44
N ALA B 9 27.39 -3.18 -12.77
CA ALA B 9 26.90 -2.25 -11.76
C ALA B 9 25.51 -2.62 -11.28
N LYS B 10 24.73 -3.35 -12.08
CA LYS B 10 23.45 -3.85 -11.61
C LYS B 10 23.65 -4.71 -10.36
N ASP B 11 24.77 -5.46 -10.32
CA ASP B 11 25.08 -6.24 -9.13
C ASP B 11 25.22 -5.35 -7.91
N GLU B 12 26.07 -4.33 -7.98
CA GLU B 12 26.35 -3.49 -6.82
C GLU B 12 25.09 -2.81 -6.29
N ARG B 13 24.08 -2.59 -7.13
CA ARG B 13 22.85 -1.98 -6.63
C ARG B 13 22.00 -2.98 -5.87
N ALA B 14 21.88 -4.21 -6.38
CA ALA B 14 21.17 -5.24 -5.66
C ALA B 14 21.79 -5.46 -4.28
N ARG B 15 23.12 -5.45 -4.20
CA ARG B 15 23.79 -5.63 -2.92
C ARG B 15 23.57 -4.42 -2.02
N GLU B 16 23.47 -3.23 -2.60
CA GLU B 16 23.15 -2.04 -1.81
C GLU B 16 21.78 -2.16 -1.16
N ILE B 17 20.78 -2.62 -1.91
CA ILE B 17 19.43 -2.77 -1.37
C ILE B 17 19.41 -3.84 -0.29
N LEU B 18 20.10 -4.96 -0.52
CA LEU B 18 20.07 -6.07 0.43
C LEU B 18 20.69 -5.68 1.77
N ARG B 19 21.85 -5.01 1.74
CA ARG B 19 22.50 -4.63 2.98
C ARG B 19 21.59 -3.81 3.88
N GLY B 20 20.71 -3.00 3.29
CA GLY B 20 19.82 -2.16 4.06
C GLY B 20 18.45 -2.73 4.32
N PHE B 21 18.17 -3.96 3.87
CA PHE B 21 16.84 -4.54 3.97
C PHE B 21 16.76 -5.48 5.15
N LYS B 22 15.64 -5.41 5.87
CA LYS B 22 15.38 -6.32 6.99
C LYS B 22 13.89 -6.62 7.05
N LEU B 23 13.55 -7.90 7.08
CA LEU B 23 12.19 -8.35 7.35
C LEU B 23 12.00 -8.43 8.86
N ASN B 24 11.24 -7.48 9.42
CA ASN B 24 11.14 -7.36 10.86
C ASN B 24 10.27 -8.45 11.46
N TRP B 25 8.99 -8.49 11.07
CA TRP B 25 8.10 -9.53 11.55
C TRP B 25 7.12 -9.91 10.44
N MET B 26 6.36 -10.97 10.68
CA MET B 26 5.47 -11.52 9.68
C MET B 26 4.22 -12.08 10.37
N ASN B 27 3.08 -11.91 9.72
CA ASN B 27 1.80 -12.35 10.24
C ASN B 27 1.03 -13.11 9.18
N LEU B 28 0.34 -14.17 9.60
CA LEU B 28 -0.60 -14.89 8.76
C LEU B 28 -1.92 -14.98 9.50
N ARG B 29 -2.98 -14.42 8.90
CA ARG B 29 -4.30 -14.40 9.52
C ARG B 29 -5.31 -14.99 8.55
N ASP B 30 -6.33 -15.65 9.11
CA ASP B 30 -7.48 -16.07 8.31
C ASP B 30 -8.22 -14.83 7.83
N ALA B 31 -8.35 -14.69 6.51
CA ALA B 31 -8.87 -13.45 5.94
C ALA B 31 -10.30 -13.18 6.40
N GLU B 32 -11.11 -14.23 6.55
CA GLU B 32 -12.52 -14.05 6.88
C GLU B 32 -12.69 -13.60 8.32
N THR B 33 -12.04 -14.31 9.25
CA THR B 33 -12.22 -14.04 10.67
C THR B 33 -11.29 -12.97 11.20
N GLY B 34 -10.10 -12.83 10.63
CA GLY B 34 -9.10 -11.94 11.14
C GLY B 34 -8.18 -12.56 12.17
N LYS B 35 -8.46 -13.78 12.61
CA LYS B 35 -7.63 -14.44 13.60
C LYS B 35 -6.22 -14.66 13.06
N ILE B 36 -5.23 -14.28 13.87
CA ILE B 36 -3.85 -14.62 13.58
C ILE B 36 -3.66 -16.12 13.75
N LEU B 37 -3.01 -16.76 12.79
CA LEU B 37 -2.63 -18.15 12.92
C LEU B 37 -1.14 -18.36 13.16
N TRP B 38 -0.32 -17.36 12.89
CA TRP B 38 1.13 -17.54 12.98
C TRP B 38 1.81 -16.18 12.97
N GLN B 39 2.78 -16.02 13.86
CA GLN B 39 3.58 -14.80 13.97
C GLN B 39 5.05 -15.14 13.94
N GLY B 40 5.82 -14.41 13.14
CA GLY B 40 7.25 -14.63 13.06
C GLY B 40 8.00 -13.32 13.20
N THR B 41 9.08 -13.37 13.98
CA THR B 41 9.96 -12.22 14.15
C THR B 41 11.36 -12.46 13.59
N GLU B 42 11.67 -13.68 13.18
CA GLU B 42 12.90 -13.94 12.43
C GLU B 42 12.77 -13.38 11.01
N ASP B 43 13.90 -12.93 10.46
CA ASP B 43 13.94 -12.44 9.09
C ASP B 43 14.25 -13.64 8.20
N LEU B 44 13.18 -14.29 7.71
CA LEU B 44 13.29 -15.45 6.85
C LEU B 44 13.51 -15.08 5.38
N SER B 45 13.91 -13.84 5.11
CA SER B 45 14.21 -13.41 3.75
C SER B 45 15.69 -13.56 3.40
N VAL B 46 16.53 -13.95 4.34
CA VAL B 46 17.97 -14.00 4.11
C VAL B 46 18.28 -15.09 3.09
N PRO B 47 18.99 -14.78 2.01
CA PRO B 47 19.36 -15.82 1.04
C PRO B 47 20.44 -16.74 1.60
N GLY B 48 20.67 -17.83 0.87
CA GLY B 48 21.71 -18.77 1.23
C GLY B 48 21.42 -19.63 2.43
N VAL B 49 20.17 -19.66 2.87
CA VAL B 49 19.78 -20.42 4.06
C VAL B 49 18.36 -20.92 3.84
N GLU B 50 18.15 -22.21 4.07
CA GLU B 50 16.81 -22.78 4.02
C GLU B 50 16.15 -22.56 5.38
N HIS B 51 15.25 -21.60 5.45
CA HIS B 51 14.54 -21.34 6.69
C HIS B 51 13.45 -22.38 6.90
N GLU B 52 12.96 -22.45 8.14
CA GLU B 52 11.84 -23.31 8.47
C GLU B 52 10.82 -22.51 9.27
N ALA B 53 9.55 -22.72 8.96
CA ALA B 53 8.45 -22.06 9.64
C ALA B 53 7.44 -23.14 10.02
N ARG B 54 7.29 -23.37 11.32
CA ARG B 54 6.27 -24.29 11.82
C ARG B 54 4.96 -23.52 11.94
N VAL B 55 4.01 -23.82 11.06
CA VAL B 55 2.72 -23.14 11.03
C VAL B 55 1.63 -24.13 11.46
N PRO B 56 0.51 -23.65 12.00
CA PRO B 56 -0.56 -24.58 12.38
C PRO B 56 -1.25 -25.17 11.16
N LYS B 57 -1.52 -26.48 11.23
CA LYS B 57 -2.17 -27.18 10.14
C LYS B 57 -3.58 -26.67 9.87
N LYS B 58 -4.11 -25.77 10.70
CA LYS B 58 -5.46 -25.26 10.50
C LYS B 58 -5.51 -24.17 9.45
N ILE B 59 -4.36 -23.56 9.13
CA ILE B 59 -4.30 -22.57 8.07
C ILE B 59 -4.65 -23.18 6.72
N LEU B 60 -4.51 -24.50 6.58
CA LEU B 60 -4.87 -25.16 5.34
C LEU B 60 -6.38 -25.16 5.11
N LYS B 61 -7.17 -25.05 6.18
CA LYS B 61 -8.63 -25.03 6.09
C LYS B 61 -9.18 -23.62 5.92
N CYS B 62 -8.33 -22.64 5.64
CA CYS B 62 -8.75 -21.25 5.41
C CYS B 62 -8.88 -21.01 3.93
N LYS B 63 -10.01 -20.44 3.50
CA LYS B 63 -10.21 -20.15 2.10
C LYS B 63 -9.19 -19.14 1.58
N ALA B 64 -8.87 -18.14 2.39
CA ALA B 64 -7.89 -17.13 2.02
C ALA B 64 -7.13 -16.71 3.25
N VAL B 65 -5.85 -16.37 3.06
CA VAL B 65 -4.95 -16.02 4.15
C VAL B 65 -4.41 -14.62 3.89
N SER B 66 -4.59 -13.74 4.87
CA SER B 66 -4.03 -12.39 4.81
C SER B 66 -2.63 -12.42 5.41
N ARG B 67 -1.65 -12.00 4.62
CA ARG B 67 -0.26 -11.93 5.05
C ARG B 67 0.11 -10.49 5.36
N GLU B 68 0.95 -10.31 6.37
CA GLU B 68 1.41 -9.00 6.81
C GLU B 68 2.93 -9.03 6.92
N LEU B 69 3.59 -8.24 6.08
CA LEU B 69 5.04 -8.14 6.06
C LEU B 69 5.46 -6.79 6.61
N ASN B 70 6.33 -6.79 7.62
CA ASN B 70 6.94 -5.58 8.15
C ASN B 70 8.42 -5.60 7.78
N PHE B 71 8.84 -4.61 7.01
CA PHE B 71 10.21 -4.58 6.50
C PHE B 71 10.79 -3.19 6.63
N SER B 72 12.12 -3.13 6.77
CA SER B 72 12.86 -1.88 6.81
C SER B 72 13.86 -1.85 5.67
N SER B 73 14.02 -0.68 5.06
CA SER B 73 14.94 -0.50 3.94
C SER B 73 15.59 0.87 4.05
N THR B 74 16.92 0.89 4.05
CA THR B 74 17.64 2.15 4.00
C THR B 74 17.66 2.74 2.60
N GLU B 75 17.62 1.88 1.58
CA GLU B 75 17.67 2.32 0.19
C GLU B 75 16.26 2.60 -0.31
N GLN B 76 16.16 3.58 -1.22
CA GLN B 76 14.92 3.86 -1.91
C GLN B 76 14.72 2.84 -3.04
N MET B 77 13.49 2.36 -3.18
CA MET B 77 13.16 1.38 -4.20
C MET B 77 12.00 1.89 -5.05
N GLU B 78 12.10 1.69 -6.36
CA GLU B 78 11.10 2.21 -7.28
C GLU B 78 9.87 1.31 -7.33
N LYS B 79 10.08 -0.02 -7.46
CA LYS B 79 8.99 -0.97 -7.64
C LYS B 79 9.35 -2.25 -6.88
N PHE B 80 9.26 -2.19 -5.55
CA PHE B 80 9.50 -3.36 -4.72
C PHE B 80 8.39 -4.38 -4.96
N ARG B 81 8.77 -5.56 -5.46
CA ARG B 81 7.79 -6.59 -5.78
C ARG B 81 8.38 -7.96 -5.49
N LEU B 82 7.49 -8.95 -5.33
CA LEU B 82 7.88 -10.31 -4.99
C LEU B 82 7.38 -11.29 -6.05
N GLU B 83 8.19 -12.31 -6.31
CA GLU B 83 7.80 -13.46 -7.11
C GLU B 83 8.02 -14.70 -6.26
N GLN B 84 6.94 -15.42 -5.98
CA GLN B 84 6.98 -16.55 -5.05
C GLN B 84 6.47 -17.80 -5.72
N LYS B 85 7.20 -18.91 -5.55
CA LYS B 85 6.82 -20.22 -6.05
C LYS B 85 6.61 -21.16 -4.88
N VAL B 86 5.50 -21.90 -4.90
CA VAL B 86 5.19 -22.89 -3.88
C VAL B 86 5.54 -24.26 -4.43
N TYR B 87 6.53 -24.92 -3.82
CA TYR B 87 7.04 -26.20 -4.28
C TYR B 87 6.54 -27.32 -3.39
N PHE B 88 6.16 -28.44 -4.00
CA PHE B 88 5.79 -29.66 -3.29
C PHE B 88 6.59 -30.81 -3.90
N LYS B 89 7.62 -31.27 -3.20
CA LYS B 89 8.48 -32.33 -3.71
C LYS B 89 9.13 -31.92 -5.03
N GLY B 90 9.49 -30.64 -5.14
CA GLY B 90 10.06 -30.09 -6.35
C GLY B 90 9.04 -29.53 -7.33
N GLN B 91 7.87 -30.14 -7.41
CA GLN B 91 6.79 -29.60 -8.23
C GLN B 91 6.49 -28.16 -7.88
N CYS B 92 6.50 -27.29 -8.87
CA CYS B 92 5.93 -25.96 -8.71
C CYS B 92 4.42 -26.08 -8.91
N LEU B 93 3.65 -25.88 -7.84
CA LEU B 93 2.20 -25.97 -7.89
C LEU B 93 1.51 -24.61 -7.91
N GLU B 94 2.26 -23.52 -7.74
CA GLU B 94 1.67 -22.20 -7.67
C GLU B 94 2.75 -21.16 -7.93
N GLU B 95 2.34 -20.01 -8.45
CA GLU B 95 3.23 -18.88 -8.65
C GLU B 95 2.46 -17.62 -8.26
N TRP B 96 3.05 -16.84 -7.35
CA TRP B 96 2.40 -15.68 -6.77
C TRP B 96 3.17 -14.42 -7.16
N PHE B 97 2.42 -13.34 -7.37
CA PHE B 97 3.01 -12.05 -7.70
C PHE B 97 2.38 -11.00 -6.79
N PHE B 98 3.21 -10.25 -6.08
CA PHE B 98 2.76 -9.13 -5.28
C PHE B 98 3.67 -7.94 -5.57
N GLU B 99 3.08 -6.74 -5.52
CA GLU B 99 3.79 -5.51 -5.83
C GLU B 99 3.54 -4.52 -4.70
N PHE B 100 4.63 -4.03 -4.10
CA PHE B 100 4.52 -2.99 -3.09
C PHE B 100 4.71 -1.61 -3.70
N GLY B 101 5.58 -1.48 -4.70
CA GLY B 101 5.83 -0.22 -5.35
C GLY B 101 6.90 0.61 -4.68
N PHE B 102 6.67 1.91 -4.55
CA PHE B 102 7.68 2.82 -4.03
C PHE B 102 8.01 2.47 -2.58
N VAL B 103 9.31 2.41 -2.28
CA VAL B 103 9.80 2.26 -0.91
C VAL B 103 10.61 3.51 -0.57
N ILE B 104 10.23 4.18 0.52
CA ILE B 104 10.90 5.39 0.97
C ILE B 104 12.23 4.99 1.61
N PRO B 105 13.32 5.70 1.34
CA PRO B 105 14.58 5.36 2.01
C PRO B 105 14.50 5.57 3.51
N ASN B 106 15.12 4.67 4.25
CA ASN B 106 15.13 4.70 5.72
C ASN B 106 13.73 4.56 6.30
N SER B 107 12.87 3.82 5.60
CA SER B 107 11.50 3.63 6.05
C SER B 107 11.32 2.24 6.67
N THR B 108 10.27 2.12 7.47
CA THR B 108 9.77 0.84 7.96
C THR B 108 8.29 0.78 7.63
N ASN B 109 7.87 -0.27 6.93
CA ASN B 109 6.55 -0.32 6.34
C ASN B 109 5.88 -1.64 6.69
N THR B 110 4.55 -1.62 6.70
CA THR B 110 3.73 -2.82 6.85
C THR B 110 3.00 -3.07 5.54
N TRP B 111 3.17 -4.27 4.98
CA TRP B 111 2.62 -4.64 3.69
C TRP B 111 1.63 -5.77 3.89
N GLN B 112 0.38 -5.53 3.51
CA GLN B 112 -0.68 -6.54 3.59
C GLN B 112 -0.95 -7.11 2.20
N SER B 113 -1.09 -8.42 2.13
CA SER B 113 -1.37 -9.11 0.88
C SER B 113 -2.30 -10.29 1.16
N LEU B 114 -3.03 -10.70 0.13
CA LEU B 114 -3.98 -11.79 0.23
C LEU B 114 -3.46 -13.00 -0.54
N ILE B 115 -3.39 -14.15 0.13
CA ILE B 115 -3.05 -15.40 -0.54
C ILE B 115 -4.31 -16.24 -0.68
N GLU B 116 -5.05 -16.03 -1.77
CA GLU B 116 -6.16 -16.91 -2.09
C GLU B 116 -5.63 -18.16 -2.78
N ALA B 117 -6.43 -19.21 -2.75
CA ALA B 117 -6.17 -20.41 -3.51
C ALA B 117 -7.18 -20.51 -4.64
N ALA B 118 -6.75 -21.07 -5.76
CA ALA B 118 -7.62 -21.14 -6.92
C ALA B 118 -8.93 -21.84 -6.54
N PRO B 119 -10.06 -21.41 -7.10
CA PRO B 119 -11.29 -22.19 -6.91
C PRO B 119 -11.20 -23.54 -7.58
N GLU B 120 -10.20 -23.73 -8.44
CA GLU B 120 -9.91 -25.00 -9.11
C GLU B 120 -9.07 -25.95 -8.24
N SER B 121 -9.07 -25.79 -6.92
CA SER B 121 -8.08 -26.47 -6.08
C SER B 121 -8.70 -26.95 -4.78
N GLN B 122 -8.16 -28.06 -4.28
CA GLN B 122 -8.50 -28.61 -2.96
C GLN B 122 -7.18 -28.94 -2.26
N MET B 123 -6.97 -28.37 -1.09
CA MET B 123 -5.68 -28.50 -0.42
C MET B 123 -5.44 -29.94 0.04
N MET B 124 -4.19 -30.38 -0.05
CA MET B 124 -3.82 -31.70 0.42
C MET B 124 -3.84 -31.76 1.95
N PRO B 125 -3.91 -32.95 2.53
CA PRO B 125 -3.85 -33.06 3.99
C PRO B 125 -2.54 -32.52 4.54
N ALA B 126 -2.59 -32.07 5.80
CA ALA B 126 -1.40 -31.52 6.43
C ALA B 126 -0.30 -32.57 6.53
N SER B 127 -0.66 -33.81 6.85
CA SER B 127 0.36 -34.85 7.03
C SER B 127 1.18 -35.06 5.77
N VAL B 128 0.61 -34.81 4.59
CA VAL B 128 1.37 -34.96 3.35
C VAL B 128 2.21 -33.72 3.09
N LEU B 129 1.64 -32.53 3.31
CA LEU B 129 2.33 -31.30 2.96
C LEU B 129 3.50 -31.00 3.90
N THR B 130 3.35 -31.29 5.19
CA THR B 130 4.33 -30.87 6.18
C THR B 130 5.73 -31.37 5.80
N GLY B 131 6.69 -30.45 5.82
CA GLY B 131 8.06 -30.75 5.46
C GLY B 131 8.35 -30.82 3.99
N ASN B 132 7.34 -31.03 3.15
CA ASN B 132 7.51 -31.17 1.71
C ASN B 132 7.17 -29.90 0.95
N VAL B 133 6.82 -28.82 1.65
CA VAL B 133 6.38 -27.58 1.01
C VAL B 133 7.49 -26.57 1.18
N ILE B 134 7.98 -26.03 0.06
CA ILE B 134 8.95 -24.95 0.03
C ILE B 134 8.33 -23.79 -0.74
N ILE B 135 8.31 -22.61 -0.13
CA ILE B 135 7.87 -21.40 -0.80
C ILE B 135 9.12 -20.57 -1.09
N GLU B 136 9.53 -20.55 -2.35
CA GLU B 136 10.70 -19.81 -2.78
C GLU B 136 10.27 -18.43 -3.23
N THR B 137 10.94 -17.40 -2.69
CA THR B 137 10.56 -16.01 -2.92
C THR B 137 11.72 -15.28 -3.58
N LYS B 138 11.40 -14.40 -4.53
CA LYS B 138 12.38 -13.62 -5.26
C LYS B 138 12.15 -12.14 -5.00
N PHE B 139 13.21 -11.46 -4.56
CA PHE B 139 13.17 -10.05 -4.17
C PHE B 139 13.55 -9.22 -5.39
N PHE B 140 12.60 -8.43 -5.88
CA PHE B 140 12.81 -7.59 -7.04
C PHE B 140 12.65 -6.12 -6.69
N ASP B 141 13.47 -5.28 -7.31
CA ASP B 141 13.20 -3.84 -7.47
C ASP B 141 12.96 -3.66 -8.97
N ASP B 142 11.71 -3.86 -9.38
CA ASP B 142 11.34 -3.84 -10.80
C ASP B 142 12.08 -4.95 -11.53
N ASP B 143 13.08 -4.60 -12.35
CA ASP B 143 13.85 -5.61 -13.09
C ASP B 143 14.99 -6.19 -12.28
N LEU B 144 15.48 -5.48 -11.26
CA LEU B 144 16.64 -5.93 -10.49
C LEU B 144 16.24 -7.05 -9.54
N LEU B 145 16.97 -8.15 -9.58
CA LEU B 145 16.80 -9.21 -8.59
C LEU B 145 17.73 -8.94 -7.42
N VAL B 146 17.15 -8.72 -6.24
CA VAL B 146 17.96 -8.42 -5.06
C VAL B 146 18.40 -9.69 -4.35
N SER B 147 17.49 -10.63 -4.14
CA SER B 147 17.78 -11.80 -3.32
C SER B 147 16.81 -12.92 -3.66
N THR B 148 17.20 -14.12 -3.27
CA THR B 148 16.33 -15.30 -3.37
C THR B 148 16.47 -16.09 -2.08
N SER B 149 15.36 -16.29 -1.38
CA SER B 149 15.35 -17.01 -0.12
C SER B 149 14.37 -18.18 -0.20
N ARG B 150 14.58 -19.15 0.68
CA ARG B 150 13.76 -20.35 0.75
C ARG B 150 13.38 -20.62 2.20
N VAL B 151 12.14 -21.03 2.42
CA VAL B 151 11.66 -21.43 3.73
C VAL B 151 10.84 -22.70 3.59
N ARG B 152 11.18 -23.71 4.37
CA ARG B 152 10.46 -24.97 4.39
C ARG B 152 9.30 -24.88 5.37
N LEU B 153 8.17 -25.45 4.98
CA LEU B 153 6.94 -25.35 5.76
C LEU B 153 6.62 -26.70 6.41
N PHE B 154 6.34 -26.66 7.70
CA PHE B 154 5.80 -27.78 8.44
C PHE B 154 4.45 -27.37 9.02
N TYR B 155 3.45 -28.22 8.84
CA TYR B 155 2.11 -27.99 9.37
C TYR B 155 1.95 -28.84 10.63
N VAL B 156 1.83 -28.17 11.77
CA VAL B 156 1.84 -28.87 13.06
C VAL B 156 0.59 -28.51 13.86
#